data_9DGO
#
_entry.id   9DGO
#
_cell.length_a   61.619
_cell.length_b   76.291
_cell.length_c   136.235
_cell.angle_alpha   90.00
_cell.angle_beta   90.00
_cell.angle_gamma   90.00
#
_symmetry.space_group_name_H-M   'P 21 21 21'
#
loop_
_entity.id
_entity.type
_entity.pdbx_description
1 polymer 'Spike glycoprotein'
2 polymer 'Designed miniprotein cb_3'
3 branched 2-acetamido-2-deoxy-beta-D-glucopyranose-(1-4)-2-acetamido-2-deoxy-beta-D-glucopyranose
4 branched beta-D-mannopyranose-(1-4)-2-acetamido-2-deoxy-beta-D-glucopyranose-(1-4)-2-acetamido-2-deoxy-beta-D-glucopyranose
5 non-polymer 2-acetamido-2-deoxy-beta-D-glucopyranose
6 water water
#
loop_
_entity_poly.entity_id
_entity_poly.type
_entity_poly.pdbx_seq_one_letter_code
_entity_poly.pdbx_strand_id
1 'polypeptide(L)'
;MGILPSPGMPALLSLVSLLSVLLMGCVAETGTECDFSPLLSGTPPQVYNFKRLVFTNCNYNLTKLLSLFSVNDFTCSQIS
PAAIASNCYSSLILDYFSYPLSMKSDLSVSSAGPISQFNYKQSFSNPTCLILATVPHNLTTITKPLKYSYINKCSRLLSD
DRTEVPQLVNANQYSPCVSIVPSTVWEDGDYYRKQLSPLEGGGWLVASGSTVAMTEQLQMGFGITVQYGTDTNSVCPKLG
SLVPRGSGGSHHHHHHHH
;
A,B
2 'polypeptide(L)' GSPVKRFVREVLEEAEEAYEKGDRRQFEELLWLAEWAARDANDEELEEEIREFEKEVK C,D
#
loop_
_chem_comp.id
_chem_comp.type
_chem_comp.name
_chem_comp.formula
BMA D-saccharide, beta linking beta-D-mannopyranose 'C6 H12 O6'
NAG D-saccharide, beta linking 2-acetamido-2-deoxy-beta-D-glucopyranose 'C8 H15 N O6'
#
# COMPACT_ATOMS: atom_id res chain seq x y z
N THR A 32 -15.49 -26.94 1.51
CA THR A 32 -14.54 -25.84 1.33
C THR A 32 -15.24 -24.48 1.25
N GLU A 33 -15.06 -23.66 2.27
CA GLU A 33 -15.69 -22.35 2.33
C GLU A 33 -14.83 -21.31 1.60
N CYS A 34 -15.50 -20.42 0.87
CA CYS A 34 -14.78 -19.30 0.26
C CYS A 34 -14.21 -18.41 1.37
N ASP A 35 -12.92 -18.08 1.25
CA ASP A 35 -12.20 -17.41 2.33
C ASP A 35 -12.08 -15.92 2.01
N PHE A 36 -12.89 -15.10 2.68
CA PHE A 36 -12.87 -13.65 2.52
C PHE A 36 -11.86 -12.98 3.42
N SER A 37 -11.11 -13.74 4.22
CA SER A 37 -10.29 -13.14 5.27
C SER A 37 -9.21 -12.18 4.79
N PRO A 38 -8.61 -12.30 3.58
CA PRO A 38 -7.64 -11.27 3.16
C PRO A 38 -8.17 -9.85 3.26
N LEU A 39 -9.45 -9.66 2.97
CA LEU A 39 -10.08 -8.36 3.07
C LEU A 39 -10.02 -7.82 4.50
N LEU A 40 -9.98 -8.69 5.49
CA LEU A 40 -10.14 -8.28 6.87
C LEU A 40 -8.82 -7.91 7.54
N SER A 41 -7.70 -7.92 6.82
N SER A 41 -7.71 -7.90 6.81
CA SER A 41 -6.40 -7.65 7.42
CA SER A 41 -6.38 -7.68 7.37
C SER A 41 -5.60 -6.71 6.52
C SER A 41 -5.63 -6.68 6.48
N GLY A 42 -5.34 -5.50 7.01
CA GLY A 42 -4.53 -4.53 6.31
C GLY A 42 -5.29 -3.25 6.01
N THR A 43 -4.52 -2.26 5.55
CA THR A 43 -5.09 -1.00 5.06
C THR A 43 -5.57 -1.21 3.64
N PRO A 44 -6.86 -1.03 3.35
CA PRO A 44 -7.36 -1.28 2.01
C PRO A 44 -6.79 -0.25 1.05
N PRO A 45 -6.47 -0.66 -0.18
CA PRO A 45 -5.93 0.27 -1.17
C PRO A 45 -6.97 1.29 -1.61
N GLN A 46 -6.48 2.33 -2.30
CA GLN A 46 -7.42 3.26 -2.90
C GLN A 46 -8.07 2.61 -4.13
N VAL A 47 -9.13 3.26 -4.63
CA VAL A 47 -9.98 2.62 -5.64
C VAL A 47 -9.19 2.25 -6.90
N TYR A 48 -8.23 3.08 -7.32
CA TYR A 48 -7.48 2.76 -8.53
C TYR A 48 -6.48 1.61 -8.35
N ASN A 49 -6.21 1.23 -7.11
CA ASN A 49 -5.38 0.07 -6.79
C ASN A 49 -6.22 -1.06 -6.21
N PHE A 50 -7.46 -1.19 -6.66
CA PHE A 50 -8.40 -2.12 -6.03
C PHE A 50 -7.80 -3.51 -5.92
N LYS A 51 -8.06 -4.18 -4.79
CA LYS A 51 -7.58 -5.54 -4.59
C LYS A 51 -8.67 -6.51 -5.00
N ARG A 52 -8.28 -7.58 -5.68
CA ARG A 52 -9.22 -8.55 -6.25
C ARG A 52 -9.03 -9.93 -5.64
N LEU A 53 -10.12 -10.51 -5.13
CA LEU A 53 -10.20 -11.90 -4.71
C LEU A 53 -11.09 -12.66 -5.68
N VAL A 54 -10.65 -13.86 -6.08
CA VAL A 54 -11.35 -14.66 -7.07
C VAL A 54 -11.69 -16.00 -6.44
N PHE A 55 -12.96 -16.39 -6.55
CA PHE A 55 -13.46 -17.60 -5.89
C PHE A 55 -14.04 -18.57 -6.91
N THR A 56 -13.57 -19.81 -6.86
CA THR A 56 -14.18 -20.93 -7.56
C THR A 56 -14.19 -22.11 -6.60
N ASN A 57 -15.08 -23.06 -6.87
CA ASN A 57 -15.12 -24.33 -6.15
C ASN A 57 -15.09 -24.14 -4.63
N CYS A 58 -16.03 -23.33 -4.13
CA CYS A 58 -16.16 -23.12 -2.70
C CYS A 58 -17.58 -22.68 -2.41
N ASN A 59 -17.92 -22.67 -1.12
CA ASN A 59 -19.24 -22.26 -0.66
C ASN A 59 -19.14 -21.00 0.18
N TYR A 60 -19.94 -20.00 -0.16
CA TYR A 60 -19.83 -18.68 0.44
C TYR A 60 -20.97 -18.43 1.41
N ASN A 61 -20.69 -17.60 2.42
CA ASN A 61 -21.71 -17.07 3.33
C ASN A 61 -21.53 -15.56 3.30
N LEU A 62 -22.26 -14.89 2.40
CA LEU A 62 -22.13 -13.44 2.27
C LEU A 62 -22.55 -12.72 3.55
N THR A 63 -23.49 -13.30 4.31
CA THR A 63 -23.94 -12.67 5.55
C THR A 63 -22.82 -12.62 6.59
N LYS A 64 -22.05 -13.71 6.72
CA LYS A 64 -20.95 -13.70 7.67
C LYS A 64 -19.98 -12.57 7.37
N LEU A 65 -19.75 -12.27 6.09
CA LEU A 65 -18.85 -11.19 5.73
C LEU A 65 -19.48 -9.83 6.02
N LEU A 66 -20.67 -9.58 5.48
CA LEU A 66 -21.29 -8.27 5.60
C LEU A 66 -21.68 -7.95 7.04
N SER A 67 -21.92 -8.95 7.88
CA SER A 67 -22.32 -8.67 9.25
C SER A 67 -21.18 -8.06 10.07
N LEU A 68 -19.95 -8.13 9.59
CA LEU A 68 -18.86 -7.46 10.30
C LEU A 68 -18.83 -5.96 10.05
N PHE A 69 -19.57 -5.46 9.06
CA PHE A 69 -19.54 -4.07 8.64
C PHE A 69 -20.90 -3.41 8.87
N SER A 70 -20.88 -2.08 8.89
CA SER A 70 -22.11 -1.29 8.81
C SER A 70 -22.35 -0.97 7.33
N VAL A 71 -23.25 -1.71 6.70
CA VAL A 71 -23.50 -1.58 5.27
C VAL A 71 -24.37 -0.35 5.03
N ASN A 72 -23.89 0.55 4.19
CA ASN A 72 -24.61 1.79 3.93
C ASN A 72 -25.39 1.75 2.63
N ASP A 73 -25.00 0.90 1.70
CA ASP A 73 -25.62 0.89 0.39
C ASP A 73 -25.27 -0.42 -0.29
N PHE A 74 -26.24 -1.03 -0.95
CA PHE A 74 -26.06 -2.35 -1.55
C PHE A 74 -26.89 -2.32 -2.83
N THR A 75 -26.22 -2.09 -3.95
CA THR A 75 -26.88 -1.90 -5.23
C THR A 75 -26.30 -2.86 -6.27
N CYS A 76 -27.16 -3.47 -7.08
CA CYS A 76 -26.72 -4.46 -8.05
C CYS A 76 -27.24 -4.14 -9.44
N SER A 77 -26.63 -4.77 -10.43
CA SER A 77 -27.05 -4.64 -11.82
C SER A 77 -27.17 -6.02 -12.45
N GLN A 78 -28.32 -6.28 -13.10
CA GLN A 78 -28.70 -7.54 -13.72
C GLN A 78 -29.06 -8.61 -12.71
N ILE A 79 -29.04 -8.30 -11.41
CA ILE A 79 -29.37 -9.27 -10.37
C ILE A 79 -29.80 -8.46 -9.15
N SER A 80 -30.53 -9.09 -8.26
CA SER A 80 -30.92 -8.38 -7.06
C SER A 80 -30.02 -8.73 -5.89
N PRO A 81 -29.91 -7.83 -4.91
CA PRO A 81 -29.17 -8.16 -3.69
C PRO A 81 -29.62 -9.44 -3.02
N ALA A 82 -30.92 -9.77 -3.09
CA ALA A 82 -31.38 -11.05 -2.54
C ALA A 82 -30.86 -12.22 -3.37
N ALA A 83 -30.86 -12.08 -4.69
CA ALA A 83 -30.43 -13.19 -5.52
C ALA A 83 -28.92 -13.36 -5.48
N ILE A 84 -28.16 -12.28 -5.28
CA ILE A 84 -26.71 -12.39 -5.34
C ILE A 84 -26.20 -13.30 -4.23
N ALA A 85 -26.90 -13.35 -3.10
CA ALA A 85 -26.45 -14.18 -1.99
C ALA A 85 -27.12 -15.54 -1.94
N SER A 86 -27.87 -15.91 -2.99
CA SER A 86 -28.59 -17.17 -2.96
C SER A 86 -28.37 -18.04 -4.21
N ASN A 87 -27.56 -17.61 -5.17
CA ASN A 87 -27.41 -18.35 -6.42
C ASN A 87 -26.05 -19.05 -6.48
N CYS A 88 -25.96 -20.00 -7.40
CA CYS A 88 -24.72 -20.73 -7.71
C CYS A 88 -24.06 -20.16 -8.97
N TYR A 89 -22.76 -19.93 -8.89
CA TYR A 89 -22.01 -19.30 -9.98
C TYR A 89 -20.83 -20.16 -10.40
N SER A 90 -20.33 -19.90 -11.63
CA SER A 90 -19.07 -20.51 -12.04
C SER A 90 -17.87 -19.78 -11.46
N SER A 91 -18.03 -18.50 -11.10
CA SER A 91 -16.99 -17.75 -10.41
C SER A 91 -17.63 -16.55 -9.73
N LEU A 92 -17.02 -16.13 -8.62
CA LEU A 92 -17.39 -14.91 -7.93
C LEU A 92 -16.13 -14.07 -7.72
N ILE A 93 -16.15 -12.82 -8.16
CA ILE A 93 -15.02 -11.90 -8.04
C ILE A 93 -15.39 -10.81 -7.05
N LEU A 94 -14.54 -10.60 -6.04
CA LEU A 94 -14.76 -9.55 -5.04
C LEU A 94 -13.59 -8.57 -5.08
N ASP A 95 -13.87 -7.33 -5.46
CA ASP A 95 -12.90 -6.24 -5.44
C ASP A 95 -13.14 -5.38 -4.22
N TYR A 96 -12.08 -4.87 -3.60
CA TYR A 96 -12.34 -4.04 -2.42
C TYR A 96 -11.30 -2.93 -2.30
N PHE A 97 -11.70 -1.84 -1.67
CA PHE A 97 -10.89 -0.63 -1.62
C PHE A 97 -11.48 0.36 -0.64
N SER A 98 -10.64 1.26 -0.14
CA SER A 98 -11.10 2.41 0.62
C SER A 98 -11.89 3.32 -0.32
N TYR A 99 -13.01 3.86 0.18
CA TYR A 99 -13.80 4.72 -0.71
C TYR A 99 -14.78 5.54 0.11
N PRO A 100 -14.86 6.86 -0.10
CA PRO A 100 -15.72 7.70 0.76
C PRO A 100 -17.19 7.63 0.34
N LEU A 101 -18.07 7.45 1.33
CA LEU A 101 -19.50 7.42 1.07
C LEU A 101 -19.97 8.69 0.35
N SER A 102 -19.28 9.80 0.57
CA SER A 102 -19.69 11.05 -0.07
C SER A 102 -19.59 11.01 -1.59
N MET A 103 -18.85 10.05 -2.15
CA MET A 103 -18.73 9.90 -3.59
C MET A 103 -19.53 8.72 -4.14
N LYS A 104 -20.55 8.30 -3.39
CA LYS A 104 -21.41 7.19 -3.79
C LYS A 104 -21.92 7.34 -5.23
N SER A 105 -22.32 8.55 -5.63
CA SER A 105 -22.89 8.69 -6.97
C SER A 105 -21.88 8.43 -8.08
N ASP A 106 -20.59 8.55 -7.79
CA ASP A 106 -19.56 8.26 -8.78
C ASP A 106 -19.25 6.78 -8.89
N LEU A 107 -19.60 5.97 -7.88
CA LEU A 107 -19.38 4.54 -7.91
C LEU A 107 -20.69 3.85 -8.27
N SER A 108 -20.96 3.77 -9.56
CA SER A 108 -22.20 3.14 -9.99
C SER A 108 -22.06 2.72 -11.44
N VAL A 109 -22.78 1.66 -11.80
CA VAL A 109 -22.79 1.19 -13.17
C VAL A 109 -23.31 2.25 -14.14
N SER A 110 -23.97 3.29 -13.64
CA SER A 110 -24.56 4.31 -14.48
C SER A 110 -23.70 5.56 -14.62
N SER A 111 -22.50 5.59 -14.05
CA SER A 111 -21.73 6.81 -13.93
C SER A 111 -20.71 6.94 -15.04
N ALA A 112 -20.59 8.16 -15.58
CA ALA A 112 -19.56 8.51 -16.55
C ALA A 112 -18.51 9.43 -15.94
N GLY A 113 -18.44 9.49 -14.60
CA GLY A 113 -17.50 10.32 -13.89
C GLY A 113 -16.10 9.73 -13.87
N PRO A 114 -15.20 10.44 -13.18
CA PRO A 114 -13.77 10.03 -13.18
C PRO A 114 -13.51 8.67 -12.55
N ILE A 115 -14.37 8.17 -11.66
CA ILE A 115 -14.13 6.85 -11.09
C ILE A 115 -14.26 5.78 -12.18
N SER A 116 -15.36 5.81 -12.93
CA SER A 116 -15.53 4.79 -13.96
C SER A 116 -14.66 5.06 -15.18
N GLN A 117 -14.27 6.30 -15.41
CA GLN A 117 -13.41 6.58 -16.56
C GLN A 117 -11.97 6.14 -16.34
N PHE A 118 -11.42 6.40 -15.15
CA PHE A 118 -9.98 6.29 -14.94
C PHE A 118 -9.55 5.36 -13.81
N ASN A 119 -10.48 4.89 -12.96
CA ASN A 119 -10.07 4.16 -11.76
C ASN A 119 -10.54 2.73 -11.73
N TYR A 120 -11.83 2.50 -11.91
CA TYR A 120 -12.43 1.19 -11.65
C TYR A 120 -13.69 1.08 -12.51
N LYS A 121 -13.74 0.04 -13.34
CA LYS A 121 -14.91 -0.18 -14.19
C LYS A 121 -15.24 -1.66 -14.14
N GLN A 122 -16.47 -1.96 -13.77
CA GLN A 122 -16.93 -3.35 -13.69
C GLN A 122 -17.43 -3.82 -15.05
N SER A 123 -17.50 -5.14 -15.19
CA SER A 123 -18.01 -5.73 -16.42
C SER A 123 -19.42 -5.25 -16.70
N PHE A 124 -19.71 -5.01 -17.97
CA PHE A 124 -21.06 -4.67 -18.42
C PHE A 124 -21.85 -5.90 -18.85
N SER A 125 -21.19 -7.04 -19.05
CA SER A 125 -21.86 -8.23 -19.56
C SER A 125 -22.15 -9.30 -18.51
N ASN A 126 -21.69 -9.12 -17.27
CA ASN A 126 -22.00 -10.02 -16.17
C ASN A 126 -22.78 -9.26 -15.10
N PRO A 127 -23.60 -9.96 -14.31
CA PRO A 127 -24.25 -9.31 -13.17
C PRO A 127 -23.21 -8.88 -12.15
N THR A 128 -23.45 -7.73 -11.52
CA THR A 128 -22.51 -7.13 -10.59
C THR A 128 -23.27 -6.47 -9.46
N CYS A 129 -22.57 -6.25 -8.34
CA CYS A 129 -23.07 -5.44 -7.24
C CYS A 129 -21.98 -4.49 -6.78
N LEU A 130 -22.39 -3.41 -6.13
CA LEU A 130 -21.49 -2.48 -5.48
C LEU A 130 -22.01 -2.27 -4.07
N ILE A 131 -21.17 -2.52 -3.08
CA ILE A 131 -21.54 -2.36 -1.68
C ILE A 131 -20.67 -1.25 -1.11
N LEU A 132 -21.30 -0.28 -0.45
CA LEU A 132 -20.57 0.73 0.32
C LEU A 132 -20.81 0.44 1.79
N ALA A 133 -19.72 0.33 2.55
CA ALA A 133 -19.82 -0.08 3.95
C ALA A 133 -18.85 0.74 4.77
N THR A 134 -19.14 0.82 6.07
CA THR A 134 -18.30 1.48 7.05
C THR A 134 -17.69 0.43 7.98
N VAL A 135 -16.41 0.61 8.29
CA VAL A 135 -15.66 -0.29 9.17
C VAL A 135 -15.93 0.11 10.61
N PRO A 136 -16.58 -0.74 11.41
CA PRO A 136 -16.80 -0.39 12.82
C PRO A 136 -15.49 -0.32 13.58
N HIS A 137 -15.53 0.44 14.69
CA HIS A 137 -14.35 0.67 15.51
C HIS A 137 -13.75 -0.62 16.06
N ASN A 138 -14.56 -1.66 16.29
CA ASN A 138 -14.03 -2.89 16.84
C ASN A 138 -13.45 -3.82 15.78
N LEU A 139 -13.48 -3.43 14.51
CA LEU A 139 -12.80 -4.21 13.47
C LEU A 139 -11.41 -3.61 13.26
N THR A 140 -10.53 -3.86 14.24
CA THR A 140 -9.25 -3.16 14.30
C THR A 140 -8.21 -3.67 13.33
N THR A 141 -8.46 -4.78 12.64
CA THR A 141 -7.48 -5.27 11.67
C THR A 141 -7.65 -4.64 10.29
N ILE A 142 -8.69 -3.85 10.07
CA ILE A 142 -8.81 -3.04 8.86
C ILE A 142 -8.44 -1.62 9.26
N THR A 143 -7.31 -1.13 8.78
CA THR A 143 -6.74 0.13 9.24
C THR A 143 -6.94 1.24 8.19
N LYS A 144 -6.78 2.51 8.65
CA LYS A 144 -7.14 3.65 7.81
C LYS A 144 -5.92 4.18 7.05
N PRO A 145 -6.04 4.43 5.75
CA PRO A 145 -5.06 5.28 5.07
C PRO A 145 -5.21 6.72 5.56
N LEU A 146 -4.24 7.56 5.22
CA LEU A 146 -4.26 8.93 5.75
C LEU A 146 -5.37 9.78 5.15
N LYS A 147 -5.95 9.36 4.02
CA LYS A 147 -6.98 10.10 3.30
C LYS A 147 -7.50 9.18 2.21
N TYR A 148 -8.53 9.65 1.49
CA TYR A 148 -8.97 8.99 0.27
C TYR A 148 -8.37 9.69 -0.94
N SER A 149 -8.03 8.92 -1.98
CA SER A 149 -7.44 9.44 -3.21
C SER A 149 -8.10 8.78 -4.40
N TYR A 150 -8.15 9.50 -5.53
CA TYR A 150 -8.58 8.91 -6.79
C TYR A 150 -7.94 9.68 -7.96
N ILE A 151 -7.93 9.03 -9.12
CA ILE A 151 -7.34 9.61 -10.32
C ILE A 151 -8.40 10.45 -10.99
N ASN A 152 -8.11 11.73 -11.21
CA ASN A 152 -9.08 12.57 -11.91
C ASN A 152 -8.77 12.75 -13.39
N LYS A 153 -7.59 12.31 -13.83
CA LYS A 153 -7.18 12.46 -15.23
C LYS A 153 -6.08 11.45 -15.51
N CYS A 154 -6.21 10.71 -16.61
CA CYS A 154 -5.13 9.87 -17.13
C CYS A 154 -5.12 10.05 -18.64
N SER A 155 -4.05 10.61 -19.18
CA SER A 155 -4.01 10.97 -20.59
C SER A 155 -2.65 10.68 -21.21
N ARG A 156 -2.68 10.39 -22.50
CA ARG A 156 -1.49 10.38 -23.35
C ARG A 156 -1.37 11.72 -24.05
N LEU A 157 -0.16 12.28 -24.05
CA LEU A 157 0.12 13.48 -24.84
C LEU A 157 0.88 13.06 -26.09
N LEU A 158 0.37 13.45 -27.25
CA LEU A 158 1.00 13.16 -28.54
C LEU A 158 1.77 14.38 -29.01
N SER A 159 3.10 14.23 -29.15
CA SER A 159 3.96 15.38 -29.39
C SER A 159 3.76 15.97 -30.78
N ASP A 160 3.56 15.11 -31.78
CA ASP A 160 3.49 15.62 -33.16
C ASP A 160 2.27 16.52 -33.36
N ASP A 161 1.10 16.08 -32.90
CA ASP A 161 -0.14 16.84 -33.01
C ASP A 161 -0.38 17.77 -31.83
N ARG A 162 0.41 17.67 -30.77
CA ARG A 162 0.19 18.43 -29.53
C ARG A 162 -1.23 18.17 -29.00
N THR A 163 -1.65 16.91 -28.99
CA THR A 163 -2.99 16.53 -28.58
C THR A 163 -2.96 15.65 -27.33
N GLU A 164 -4.06 15.71 -26.57
CA GLU A 164 -4.21 14.94 -25.35
C GLU A 164 -5.29 13.89 -25.59
N VAL A 165 -4.97 12.63 -25.30
CA VAL A 165 -5.92 11.54 -25.48
C VAL A 165 -6.19 10.86 -24.13
N PRO A 166 -7.39 10.99 -23.57
CA PRO A 166 -7.68 10.33 -22.29
C PRO A 166 -7.54 8.83 -22.44
N GLN A 167 -6.95 8.19 -21.43
CA GLN A 167 -6.77 6.74 -21.40
C GLN A 167 -7.82 6.18 -20.45
N LEU A 168 -8.92 5.67 -21.00
CA LEU A 168 -10.01 5.18 -20.17
C LEU A 168 -9.73 3.77 -19.72
N VAL A 169 -10.08 3.48 -18.46
CA VAL A 169 -9.81 2.16 -17.90
C VAL A 169 -10.75 1.13 -18.53
N ASN A 170 -10.23 -0.07 -18.78
CA ASN A 170 -11.05 -1.19 -19.24
C ASN A 170 -11.64 -1.93 -18.05
N ALA A 171 -12.76 -2.61 -18.29
CA ALA A 171 -13.33 -3.45 -17.26
C ALA A 171 -12.31 -4.48 -16.79
N ASN A 172 -12.24 -4.67 -15.46
CA ASN A 172 -11.33 -5.64 -14.84
C ASN A 172 -9.86 -5.34 -15.12
N GLN A 173 -9.50 -4.06 -15.26
CA GLN A 173 -8.11 -3.69 -15.47
C GLN A 173 -7.76 -2.46 -14.64
N TYR A 174 -6.47 -2.24 -14.45
CA TYR A 174 -5.98 -1.03 -13.81
C TYR A 174 -5.74 0.08 -14.84
N SER A 175 -5.87 1.32 -14.39
CA SER A 175 -5.47 2.45 -15.20
C SER A 175 -4.03 2.30 -15.66
N PRO A 176 -3.71 2.70 -16.90
CA PRO A 176 -2.29 2.79 -17.28
C PRO A 176 -1.49 3.68 -16.36
N CYS A 177 -2.15 4.61 -15.67
CA CYS A 177 -1.46 5.57 -14.82
C CYS A 177 -1.20 5.07 -13.39
N VAL A 178 -1.60 3.84 -13.03
CA VAL A 178 -1.35 3.39 -11.65
C VAL A 178 0.14 3.38 -11.35
N SER A 179 0.99 3.32 -12.38
CA SER A 179 2.43 3.32 -12.13
C SER A 179 2.94 4.70 -11.69
N ILE A 180 2.31 5.78 -12.15
CA ILE A 180 2.83 7.11 -11.82
C ILE A 180 2.02 7.81 -10.74
N VAL A 181 0.84 7.30 -10.39
CA VAL A 181 0.06 7.90 -9.30
C VAL A 181 0.48 7.20 -7.99
N PRO A 182 0.82 7.93 -6.94
CA PRO A 182 1.20 7.28 -5.69
C PRO A 182 0.03 6.55 -5.07
N SER A 183 0.35 5.61 -4.17
CA SER A 183 -0.72 4.86 -3.53
CA SER A 183 -0.70 4.85 -3.49
C SER A 183 -1.62 5.75 -2.68
N THR A 184 -1.09 6.88 -2.18
CA THR A 184 -1.88 7.94 -1.58
C THR A 184 -1.42 9.27 -2.20
N VAL A 185 -2.36 10.02 -2.76
CA VAL A 185 -2.04 11.33 -3.34
C VAL A 185 -1.65 12.30 -2.23
N TRP A 186 -0.58 13.07 -2.46
CA TRP A 186 -0.10 13.97 -1.41
C TRP A 186 -0.99 15.19 -1.27
N GLU A 187 -1.24 15.90 -2.36
CA GLU A 187 -2.05 17.10 -2.35
C GLU A 187 -3.07 17.04 -3.47
N ASP A 188 -4.30 17.43 -3.16
CA ASP A 188 -5.36 17.47 -4.16
C ASP A 188 -4.91 18.29 -5.36
N GLY A 189 -5.03 17.71 -6.55
CA GLY A 189 -4.63 18.39 -7.77
C GLY A 189 -3.19 18.15 -8.21
N ASP A 190 -2.43 17.31 -7.53
CA ASP A 190 -1.07 16.97 -7.95
C ASP A 190 -1.09 16.38 -9.36
N TYR A 191 0.01 16.61 -10.10
CA TYR A 191 0.23 16.11 -11.45
C TYR A 191 1.38 15.10 -11.45
N TYR A 192 1.32 14.15 -12.40
CA TYR A 192 2.29 13.09 -12.53
C TYR A 192 2.65 12.88 -13.98
N ARG A 193 3.83 12.30 -14.23
CA ARG A 193 4.20 12.05 -15.61
C ARG A 193 5.17 10.87 -15.74
N LYS A 194 5.13 10.26 -16.93
CA LYS A 194 6.15 9.33 -17.40
C LYS A 194 6.41 9.67 -18.86
N GLN A 195 7.69 9.71 -19.26
CA GLN A 195 8.05 9.88 -20.66
C GLN A 195 8.05 8.53 -21.35
N LEU A 196 7.40 8.47 -22.52
CA LEU A 196 7.35 7.25 -23.30
C LEU A 196 8.43 7.24 -24.37
N SER A 197 8.89 6.03 -24.70
CA SER A 197 9.90 5.85 -25.73
C SER A 197 9.28 6.03 -27.12
N PRO A 198 10.11 6.31 -28.13
CA PRO A 198 9.61 6.27 -29.52
C PRO A 198 8.93 4.96 -29.87
N LEU A 199 9.42 3.83 -29.34
CA LEU A 199 8.79 2.54 -29.57
C LEU A 199 7.39 2.45 -28.99
N GLU A 200 7.06 3.30 -28.03
CA GLU A 200 5.73 3.34 -27.41
C GLU A 200 4.86 4.43 -28.01
N GLY A 201 5.34 5.12 -29.04
CA GLY A 201 4.66 6.25 -29.61
C GLY A 201 5.18 7.59 -29.15
N GLY A 202 6.17 7.61 -28.25
CA GLY A 202 6.75 8.85 -27.78
C GLY A 202 5.74 9.63 -26.95
N GLY A 203 6.10 10.89 -26.66
CA GLY A 203 5.21 11.72 -25.91
C GLY A 203 5.23 11.41 -24.41
N TRP A 204 4.13 11.79 -23.78
CA TRP A 204 3.97 11.69 -22.33
C TRP A 204 2.77 10.85 -21.94
N LEU A 205 2.88 10.17 -20.80
CA LEU A 205 1.72 9.73 -20.05
C LEU A 205 1.60 10.68 -18.86
N VAL A 206 0.43 11.30 -18.68
CA VAL A 206 0.24 12.25 -17.60
C VAL A 206 -1.01 11.90 -16.80
N ALA A 207 -1.01 12.30 -15.54
CA ALA A 207 -2.16 12.04 -14.69
C ALA A 207 -2.26 13.14 -13.64
N SER A 208 -3.45 13.23 -13.03
CA SER A 208 -3.63 14.10 -11.89
C SER A 208 -4.48 13.38 -10.84
N GLY A 209 -4.20 13.66 -9.58
CA GLY A 209 -4.90 13.02 -8.48
C GLY A 209 -5.73 13.99 -7.65
N SER A 210 -6.74 13.45 -6.98
CA SER A 210 -7.65 14.21 -6.12
C SER A 210 -7.70 13.51 -4.78
N THR A 211 -8.03 14.27 -3.71
CA THR A 211 -8.10 13.71 -2.36
C THR A 211 -9.43 14.06 -1.70
N VAL A 212 -9.85 13.20 -0.78
CA VAL A 212 -11.00 13.44 0.10
C VAL A 212 -10.55 13.16 1.52
N ALA A 213 -10.94 14.02 2.47
CA ALA A 213 -10.47 13.85 3.84
C ALA A 213 -10.95 12.53 4.45
N MET A 214 -10.08 11.90 5.24
CA MET A 214 -10.46 10.66 5.91
C MET A 214 -11.63 10.90 6.86
N THR A 215 -12.47 9.89 6.99
CA THR A 215 -13.65 9.96 7.83
C THR A 215 -13.37 9.35 9.21
N GLU A 216 -14.30 9.57 10.14
CA GLU A 216 -14.07 9.11 11.51
C GLU A 216 -13.93 7.60 11.56
N GLN A 217 -14.78 6.88 10.84
CA GLN A 217 -14.59 5.46 10.57
C GLN A 217 -14.29 5.28 9.09
N LEU A 218 -13.43 4.30 8.79
CA LEU A 218 -13.09 4.04 7.40
C LEU A 218 -14.31 3.57 6.62
N GLN A 219 -14.45 4.11 5.41
CA GLN A 219 -15.48 3.70 4.48
C GLN A 219 -14.83 2.98 3.31
N MET A 220 -15.51 1.95 2.80
CA MET A 220 -14.94 1.05 1.80
C MET A 220 -15.97 0.81 0.70
N GLY A 221 -15.46 0.41 -0.46
CA GLY A 221 -16.29 -0.09 -1.54
C GLY A 221 -15.96 -1.55 -1.82
N PHE A 222 -17.00 -2.34 -2.08
CA PHE A 222 -16.89 -3.75 -2.48
C PHE A 222 -17.57 -3.92 -3.82
N GLY A 223 -16.86 -4.46 -4.81
CA GLY A 223 -17.43 -4.76 -6.10
C GLY A 223 -17.48 -6.27 -6.31
N ILE A 224 -18.68 -6.78 -6.60
CA ILE A 224 -18.90 -8.20 -6.81
C ILE A 224 -19.26 -8.42 -8.27
N THR A 225 -18.60 -9.38 -8.91
CA THR A 225 -18.92 -9.78 -10.27
C THR A 225 -19.13 -11.29 -10.26
N VAL A 226 -20.25 -11.75 -10.82
CA VAL A 226 -20.53 -13.17 -10.86
C VAL A 226 -20.76 -13.59 -12.31
N GLN A 227 -20.50 -14.87 -12.58
CA GLN A 227 -20.78 -15.48 -13.86
C GLN A 227 -21.57 -16.76 -13.66
N TYR A 228 -22.48 -17.03 -14.58
CA TYR A 228 -23.12 -18.33 -14.66
C TYR A 228 -22.37 -19.09 -15.75
N GLY A 229 -22.07 -20.36 -15.50
CA GLY A 229 -21.23 -21.14 -16.38
C GLY A 229 -21.98 -22.18 -17.19
N THR A 230 -21.53 -22.37 -18.43
CA THR A 230 -21.89 -23.59 -19.15
C THR A 230 -21.24 -24.80 -18.50
N ASP A 231 -20.26 -24.58 -17.62
CA ASP A 231 -19.63 -25.63 -16.84
C ASP A 231 -20.35 -25.73 -15.50
N THR A 232 -19.76 -26.47 -14.56
CA THR A 232 -20.33 -26.58 -13.23
C THR A 232 -20.41 -25.23 -12.52
N ASN A 233 -21.58 -24.95 -11.94
CA ASN A 233 -21.80 -23.86 -10.99
C ASN A 233 -21.31 -24.29 -9.61
N SER A 234 -20.01 -24.17 -9.39
CA SER A 234 -19.39 -24.70 -8.19
C SER A 234 -19.15 -23.65 -7.11
N VAL A 235 -19.64 -22.42 -7.31
CA VAL A 235 -19.63 -21.38 -6.27
C VAL A 235 -21.06 -21.24 -5.76
N CYS A 236 -21.37 -21.87 -4.63
CA CYS A 236 -22.73 -21.97 -4.14
C CYS A 236 -22.84 -21.45 -2.71
N PRO A 237 -24.03 -21.00 -2.30
CA PRO A 237 -24.20 -20.53 -0.92
C PRO A 237 -24.04 -21.67 0.08
N LYS A 238 -23.44 -21.36 1.24
CA LYS A 238 -23.35 -22.32 2.32
C LYS A 238 -24.74 -22.55 2.92
N LEU A 239 -25.10 -23.82 3.06
CA LEU A 239 -26.45 -24.17 3.50
C LEU A 239 -26.57 -24.10 5.01
N THR B 30 14.87 -12.68 -24.79
CA THR B 30 15.17 -14.11 -24.63
C THR B 30 14.09 -14.81 -23.80
N GLY B 31 13.72 -14.22 -22.66
CA GLY B 31 12.72 -14.78 -21.77
C GLY B 31 13.26 -15.63 -20.64
N THR B 32 14.57 -15.75 -20.51
CA THR B 32 15.14 -16.51 -19.40
C THR B 32 15.71 -15.61 -18.30
N GLU B 33 15.60 -14.29 -18.45
CA GLU B 33 16.20 -13.38 -17.49
C GLU B 33 15.28 -13.17 -16.28
N CYS B 34 15.88 -13.11 -15.09
CA CYS B 34 15.09 -12.80 -13.91
C CYS B 34 14.52 -11.39 -14.04
N ASP B 35 13.22 -11.26 -13.81
CA ASP B 35 12.49 -10.02 -14.10
C ASP B 35 12.32 -9.22 -12.82
N PHE B 36 13.13 -8.16 -12.67
CA PHE B 36 13.05 -7.28 -11.50
C PHE B 36 12.04 -6.16 -11.67
N SER B 37 11.34 -6.10 -12.81
CA SER B 37 10.53 -4.92 -13.11
C SER B 37 9.39 -4.64 -12.12
N PRO B 38 8.77 -5.62 -11.42
CA PRO B 38 7.73 -5.27 -10.43
C PRO B 38 8.13 -4.22 -9.40
N LEU B 39 9.39 -4.25 -8.98
CA LEU B 39 9.92 -3.27 -8.05
C LEU B 39 9.84 -1.85 -8.59
N LEU B 40 9.84 -1.69 -9.91
CA LEU B 40 9.98 -0.37 -10.51
C LEU B 40 8.67 0.38 -10.70
N SER B 41 7.54 -0.20 -10.29
N SER B 41 7.54 -0.20 -10.28
CA SER B 41 6.22 0.42 -10.43
CA SER B 41 6.24 0.45 -10.44
C SER B 41 5.50 0.34 -9.10
C SER B 41 5.48 0.34 -9.13
N GLY B 42 5.13 1.50 -8.55
CA GLY B 42 4.32 1.57 -7.37
C GLY B 42 5.02 2.25 -6.21
N THR B 43 4.22 2.56 -5.18
CA THR B 43 4.76 3.08 -3.93
C THR B 43 5.28 1.93 -3.09
N PRO B 44 6.56 1.91 -2.73
CA PRO B 44 7.08 0.78 -1.96
C PRO B 44 6.51 0.78 -0.55
N PRO B 45 6.24 -0.41 -0.02
CA PRO B 45 5.67 -0.51 1.34
C PRO B 45 6.68 -0.11 2.39
N GLN B 46 6.21 0.05 3.62
CA GLN B 46 7.12 0.25 4.74
C GLN B 46 7.79 -1.07 5.10
N VAL B 47 8.83 -0.98 5.95
CA VAL B 47 9.71 -2.13 6.19
C VAL B 47 8.93 -3.34 6.74
N TYR B 48 7.96 -3.11 7.64
CA TYR B 48 7.21 -4.24 8.20
C TYR B 48 6.25 -4.89 7.20
N ASN B 49 5.97 -4.23 6.08
CA ASN B 49 5.17 -4.81 5.00
C ASN B 49 6.01 -5.10 3.75
N PHE B 50 7.27 -5.46 3.94
CA PHE B 50 8.18 -5.60 2.80
C PHE B 50 7.59 -6.51 1.72
N LYS B 51 7.81 -6.12 0.46
CA LYS B 51 7.37 -6.93 -0.66
C LYS B 51 8.50 -7.86 -1.08
N ARG B 52 8.15 -9.09 -1.45
CA ARG B 52 9.14 -10.12 -1.73
C ARG B 52 9.00 -10.61 -3.17
N LEU B 53 10.11 -10.60 -3.91
CA LEU B 53 10.20 -11.25 -5.20
C LEU B 53 11.09 -12.47 -5.06
N VAL B 54 10.68 -13.60 -5.64
CA VAL B 54 11.43 -14.84 -5.51
C VAL B 54 11.77 -15.29 -6.92
N PHE B 55 13.05 -15.59 -7.14
CA PHE B 55 13.54 -15.91 -8.47
C PHE B 55 14.06 -17.33 -8.47
N THR B 56 13.59 -18.13 -9.42
CA THR B 56 14.10 -19.46 -9.69
C THR B 56 14.24 -19.61 -11.20
N ASN B 57 15.17 -20.48 -11.59
N ASN B 57 15.17 -20.49 -11.59
CA ASN B 57 15.32 -20.91 -12.99
CA ASN B 57 15.30 -20.91 -13.00
C ASN B 57 15.35 -19.72 -13.95
C ASN B 57 15.34 -19.72 -13.95
N CYS B 58 16.31 -18.84 -13.72
CA CYS B 58 16.48 -17.65 -14.55
C CYS B 58 17.90 -17.11 -14.38
N ASN B 59 18.33 -16.29 -15.34
CA ASN B 59 19.64 -15.65 -15.31
CA ASN B 59 19.64 -15.66 -15.29
C ASN B 59 19.48 -14.19 -14.87
N TYR B 60 20.31 -13.75 -13.93
CA TYR B 60 20.17 -12.43 -13.37
C TYR B 60 21.29 -11.49 -13.80
N ASN B 61 20.98 -10.20 -13.77
CA ASN B 61 22.00 -9.15 -14.00
C ASN B 61 21.76 -8.11 -12.90
N LEU B 62 22.38 -8.30 -11.74
CA LEU B 62 22.14 -7.41 -10.61
C LEU B 62 22.58 -5.98 -10.92
N THR B 63 23.61 -5.81 -11.76
CA THR B 63 24.08 -4.48 -12.11
C THR B 63 23.01 -3.70 -12.85
N LYS B 64 22.28 -4.35 -13.76
CA LYS B 64 21.22 -3.66 -14.50
C LYS B 64 20.18 -3.09 -13.56
N LEU B 65 19.87 -3.81 -12.47
CA LEU B 65 18.88 -3.32 -11.51
C LEU B 65 19.45 -2.15 -10.71
N LEU B 66 20.60 -2.35 -10.07
CA LEU B 66 21.17 -1.35 -9.18
C LEU B 66 21.60 -0.09 -9.93
N SER B 67 21.89 -0.19 -11.22
CA SER B 67 22.31 1.02 -11.94
C SER B 67 21.18 2.02 -12.10
N LEU B 68 19.93 1.63 -11.86
CA LEU B 68 18.83 2.60 -11.91
C LEU B 68 18.75 3.47 -10.65
N PHE B 69 19.47 3.11 -9.59
CA PHE B 69 19.40 3.78 -8.29
C PHE B 69 20.73 4.40 -7.94
N SER B 70 20.69 5.34 -7.00
CA SER B 70 21.90 5.85 -6.37
C SER B 70 22.14 5.02 -5.11
N VAL B 71 23.05 4.05 -5.20
CA VAL B 71 23.28 3.12 -4.10
C VAL B 71 24.10 3.82 -3.05
N ASN B 72 23.59 3.85 -1.81
CA ASN B 72 24.24 4.51 -0.69
C ASN B 72 24.98 3.55 0.22
N ASP B 73 24.59 2.27 0.24
CA ASP B 73 25.21 1.31 1.15
C ASP B 73 24.90 -0.09 0.66
N PHE B 74 25.89 -0.98 0.70
CA PHE B 74 25.73 -2.32 0.13
C PHE B 74 26.57 -3.23 1.02
N THR B 75 25.91 -3.94 1.93
CA THR B 75 26.61 -4.78 2.91
C THR B 75 26.07 -6.19 2.89
N CYS B 76 26.96 -7.17 3.03
CA CYS B 76 26.59 -8.57 2.99
C CYS B 76 27.16 -9.32 4.18
N SER B 77 26.62 -10.52 4.40
CA SER B 77 27.09 -11.41 5.46
C SER B 77 27.27 -12.80 4.86
N GLN B 78 28.41 -13.43 5.16
CA GLN B 78 28.81 -14.73 4.64
C GLN B 78 29.19 -14.68 3.17
N ILE B 79 29.17 -13.49 2.56
CA ILE B 79 29.51 -13.34 1.16
C ILE B 79 29.87 -11.88 0.99
N SER B 80 30.61 -11.57 -0.04
CA SER B 80 30.92 -10.18 -0.31
C SER B 80 29.98 -9.64 -1.38
N PRO B 81 29.78 -8.33 -1.44
CA PRO B 81 28.96 -7.76 -2.53
C PRO B 81 29.46 -8.13 -3.92
N ALA B 82 30.77 -8.29 -4.13
CA ALA B 82 31.23 -8.70 -5.44
C ALA B 82 30.81 -10.12 -5.75
N ALA B 83 30.89 -11.01 -4.77
CA ALA B 83 30.59 -12.40 -4.95
C ALA B 83 29.09 -12.70 -5.03
N ILE B 84 28.22 -11.84 -4.47
CA ILE B 84 26.80 -12.18 -4.44
C ILE B 84 26.25 -12.30 -5.85
N ALA B 85 26.82 -11.56 -6.80
CA ALA B 85 26.36 -11.58 -8.19
C ALA B 85 27.19 -12.52 -9.06
N SER B 86 27.91 -13.46 -8.46
CA SER B 86 28.80 -14.32 -9.22
C SER B 86 28.47 -15.80 -9.11
N ASN B 87 27.47 -16.18 -8.32
CA ASN B 87 27.21 -17.60 -8.06
C ASN B 87 25.89 -18.05 -8.68
N CYS B 88 25.75 -19.38 -8.80
CA CYS B 88 24.49 -20.01 -9.19
C CYS B 88 23.78 -20.50 -7.93
N TYR B 89 22.52 -20.10 -7.78
CA TYR B 89 21.76 -20.39 -6.58
C TYR B 89 20.52 -21.20 -6.93
N SER B 90 19.96 -21.88 -5.93
CA SER B 90 18.67 -22.51 -6.16
C SER B 90 17.54 -21.50 -6.11
N SER B 91 17.71 -20.38 -5.39
CA SER B 91 16.73 -19.31 -5.43
C SER B 91 17.40 -18.02 -5.00
N LEU B 92 16.91 -16.91 -5.53
CA LEU B 92 17.32 -15.59 -5.09
C LEU B 92 16.07 -14.85 -4.65
N ILE B 93 16.08 -14.37 -3.41
CA ILE B 93 14.95 -13.68 -2.81
C ILE B 93 15.30 -12.22 -2.66
N LEU B 94 14.47 -11.34 -3.20
CA LEU B 94 14.66 -9.89 -3.12
C LEU B 94 13.48 -9.27 -2.38
N ASP B 95 13.73 -8.73 -1.20
CA ASP B 95 12.73 -7.98 -0.44
C ASP B 95 12.98 -6.49 -0.66
N TYR B 96 11.91 -5.68 -0.74
CA TYR B 96 12.15 -4.26 -0.92
C TYR B 96 11.09 -3.46 -0.20
N PHE B 97 11.47 -2.23 0.17
CA PHE B 97 10.64 -1.42 1.05
C PHE B 97 11.22 -0.02 1.10
N SER B 98 10.34 0.93 1.44
CA SER B 98 10.78 2.28 1.78
C SER B 98 11.55 2.25 3.10
N TYR B 99 12.64 3.00 3.16
CA TYR B 99 13.39 2.97 4.41
C TYR B 99 14.35 4.15 4.47
N PRO B 100 14.38 4.92 5.57
CA PRO B 100 15.23 6.13 5.60
C PRO B 100 16.69 5.81 5.85
N LEU B 101 17.58 6.42 5.05
CA LEU B 101 19.03 6.21 5.24
C LEU B 101 19.47 6.56 6.65
N SER B 102 18.78 7.49 7.31
CA SER B 102 19.15 7.88 8.66
C SER B 102 19.00 6.75 9.67
N MET B 103 18.31 5.65 9.33
CA MET B 103 18.18 4.51 10.23
C MET B 103 19.02 3.32 9.79
N LYS B 104 20.04 3.55 8.96
CA LYS B 104 20.91 2.47 8.49
C LYS B 104 21.43 1.61 9.64
N SER B 105 21.83 2.24 10.74
CA SER B 105 22.42 1.47 11.83
C SER B 105 21.42 0.54 12.52
N ASP B 106 20.12 0.81 12.37
CA ASP B 106 19.07 -0.01 12.97
C ASP B 106 18.84 -1.32 12.22
N LEU B 107 19.36 -1.44 11.01
CA LEU B 107 19.16 -2.65 10.21
C LEU B 107 20.29 -3.64 10.49
N SER B 110 21.81 -8.47 13.02
CA SER B 110 21.88 -7.36 13.97
C SER B 110 21.22 -7.73 15.30
N SER B 111 20.01 -8.29 15.21
CA SER B 111 19.26 -8.83 16.35
C SER B 111 18.74 -7.77 17.32
N ALA B 112 19.41 -6.62 17.41
CA ALA B 112 18.99 -5.56 18.33
C ALA B 112 18.29 -4.41 17.61
N GLY B 113 17.50 -3.66 18.38
CA GLY B 113 16.71 -2.55 17.92
C GLY B 113 15.35 -2.99 17.40
N PRO B 114 14.39 -2.07 17.33
CA PRO B 114 13.03 -2.46 16.93
C PRO B 114 12.92 -2.94 15.48
N ILE B 115 13.84 -2.54 14.59
CA ILE B 115 13.71 -2.98 13.21
C ILE B 115 13.94 -4.48 13.10
N SER B 116 15.05 -4.99 13.65
CA SER B 116 15.25 -6.43 13.55
C SER B 116 14.38 -7.22 14.54
N GLN B 117 13.96 -6.60 15.63
CA GLN B 117 13.11 -7.33 16.58
C GLN B 117 11.69 -7.48 16.07
N PHE B 118 11.12 -6.43 15.45
CA PHE B 118 9.69 -6.41 15.18
C PHE B 118 9.29 -6.24 13.73
N ASN B 119 10.23 -5.87 12.83
CA ASN B 119 9.84 -5.49 11.48
C ASN B 119 10.40 -6.43 10.41
N TYR B 120 11.69 -6.69 10.43
CA TYR B 120 12.30 -7.38 9.29
C TYR B 120 13.56 -8.08 9.79
N LYS B 121 13.64 -9.38 9.56
CA LYS B 121 14.81 -10.16 10.00
C LYS B 121 15.19 -11.10 8.87
N GLN B 122 16.45 -11.04 8.46
CA GLN B 122 16.93 -11.94 7.42
C GLN B 122 17.45 -13.23 8.04
N SER B 123 17.50 -14.28 7.21
CA SER B 123 17.99 -15.58 7.65
C SER B 123 19.40 -15.46 8.21
N PHE B 124 19.68 -16.21 9.27
CA PHE B 124 21.04 -16.26 9.80
C PHE B 124 21.87 -17.39 9.21
N SER B 125 21.23 -18.34 8.52
CA SER B 125 21.93 -19.50 7.99
C SER B 125 22.20 -19.42 6.49
N ASN B 126 21.70 -18.38 5.80
CA ASN B 126 21.99 -18.21 4.38
C ASN B 126 22.79 -16.93 4.17
N PRO B 127 23.57 -16.84 3.09
CA PRO B 127 24.21 -15.56 2.78
C PRO B 127 23.14 -14.52 2.46
N THR B 128 23.37 -13.30 2.93
CA THR B 128 22.39 -12.22 2.78
C THR B 128 23.12 -10.93 2.47
N CYS B 129 22.40 -10.01 1.84
CA CYS B 129 22.89 -8.65 1.67
C CYS B 129 21.76 -7.68 1.98
N LEU B 130 22.16 -6.47 2.35
CA LEU B 130 21.24 -5.35 2.53
C LEU B 130 21.77 -4.18 1.72
N ILE B 131 20.94 -3.65 0.84
CA ILE B 131 21.30 -2.51 0.01
C ILE B 131 20.40 -1.36 0.40
N LEU B 132 20.99 -0.19 0.66
CA LEU B 132 20.25 1.04 0.86
C LEU B 132 20.48 1.96 -0.34
N ALA B 133 19.40 2.43 -0.95
CA ALA B 133 19.53 3.18 -2.20
C ALA B 133 18.54 4.34 -2.19
N THR B 134 18.86 5.34 -3.00
CA THR B 134 18.01 6.50 -3.23
C THR B 134 17.42 6.43 -4.64
N VAL B 135 16.14 6.74 -4.76
CA VAL B 135 15.39 6.72 -6.01
C VAL B 135 15.60 8.04 -6.73
N PRO B 136 16.20 8.04 -7.92
CA PRO B 136 16.38 9.31 -8.65
C PRO B 136 15.04 9.94 -8.98
N HIS B 137 15.05 11.26 -9.12
CA HIS B 137 13.81 11.97 -9.43
C HIS B 137 13.23 11.53 -10.78
N ASN B 138 14.08 11.09 -11.72
CA ASN B 138 13.59 10.71 -13.04
C ASN B 138 13.02 9.30 -13.10
N LEU B 139 13.03 8.56 -12.00
CA LEU B 139 12.38 7.26 -11.94
C LEU B 139 10.96 7.46 -11.41
N THR B 140 10.09 8.00 -12.28
CA THR B 140 8.81 8.52 -11.80
C THR B 140 7.78 7.43 -11.49
N THR B 141 8.05 6.16 -11.84
CA THR B 141 7.11 5.10 -11.53
C THR B 141 7.30 4.52 -10.13
N ILE B 142 8.33 4.91 -9.41
CA ILE B 142 8.48 4.60 -7.98
C ILE B 142 8.09 5.85 -7.23
N THR B 143 6.97 5.79 -6.52
CA THR B 143 6.35 6.96 -5.93
C THR B 143 6.53 6.94 -4.41
N LYS B 144 6.31 8.10 -3.78
CA LYS B 144 6.67 8.26 -2.38
C LYS B 144 5.46 8.08 -1.46
N PRO B 145 5.58 7.33 -0.38
CA PRO B 145 4.58 7.43 0.69
C PRO B 145 4.73 8.77 1.39
N LEU B 146 3.75 9.11 2.23
CA LEU B 146 3.78 10.44 2.85
C LEU B 146 4.82 10.57 3.94
N LYS B 147 5.38 9.47 4.42
CA LYS B 147 6.34 9.44 5.52
C LYS B 147 6.89 8.02 5.57
N TYR B 148 7.90 7.82 6.43
CA TYR B 148 8.38 6.48 6.77
C TYR B 148 7.76 6.10 8.11
N SER B 149 7.43 4.81 8.26
N SER B 149 7.41 4.81 8.23
CA SER B 149 6.93 4.33 9.54
CA SER B 149 6.83 4.24 9.45
C SER B 149 7.48 2.95 9.82
C SER B 149 7.56 2.94 9.81
N TYR B 150 7.57 2.61 11.10
CA TYR B 150 8.03 1.29 11.53
C TYR B 150 7.36 0.92 12.85
N ILE B 151 7.38 -0.37 13.17
CA ILE B 151 6.78 -0.88 14.38
C ILE B 151 7.82 -0.76 15.50
N ASN B 152 7.46 -0.07 16.59
CA ASN B 152 8.41 0.01 17.69
C ASN B 152 8.15 -1.00 18.80
N LYS B 153 7.01 -1.70 18.73
CA LYS B 153 6.61 -2.65 19.77
C LYS B 153 5.59 -3.59 19.14
N CYS B 154 5.76 -4.90 19.36
CA CYS B 154 4.74 -5.88 19.05
C CYS B 154 4.74 -6.87 20.21
N SER B 155 3.62 -6.95 20.94
CA SER B 155 3.61 -7.76 22.17
C SER B 155 2.28 -8.47 22.34
N ARG B 156 2.33 -9.62 23.01
CA ARG B 156 1.15 -10.29 23.52
C ARG B 156 0.98 -9.89 24.98
N LEU B 157 -0.26 -9.61 25.40
CA LEU B 157 -0.53 -9.34 26.82
C LEU B 157 -1.14 -10.58 27.48
N LEU B 158 -0.64 -10.92 28.66
CA LEU B 158 -1.18 -12.05 29.44
C LEU B 158 -2.11 -11.45 30.50
N SER B 159 -3.40 -11.75 30.39
CA SER B 159 -4.41 -11.05 31.20
C SER B 159 -4.34 -11.45 32.67
N ASP B 160 -4.19 -12.74 32.96
CA ASP B 160 -4.22 -13.17 34.36
C ASP B 160 -3.00 -12.67 35.13
N ASP B 161 -1.82 -12.72 34.51
CA ASP B 161 -0.57 -12.30 35.11
C ASP B 161 -0.26 -10.82 34.93
N ARG B 162 -1.05 -10.11 34.12
CA ARG B 162 -0.79 -8.69 33.86
C ARG B 162 0.63 -8.48 33.34
N THR B 163 1.04 -9.34 32.40
CA THR B 163 2.40 -9.35 31.84
C THR B 163 2.37 -9.08 30.34
N GLU B 164 3.45 -8.51 29.83
CA GLU B 164 3.63 -8.24 28.40
C GLU B 164 4.75 -9.12 27.87
N VAL B 165 4.50 -9.83 26.77
CA VAL B 165 5.51 -10.70 26.15
C VAL B 165 5.81 -10.22 24.72
N PRO B 166 7.01 -9.70 24.45
CA PRO B 166 7.30 -9.23 23.08
C PRO B 166 7.27 -10.38 22.09
N GLN B 167 6.74 -10.09 20.91
CA GLN B 167 6.60 -11.08 19.82
C GLN B 167 7.64 -10.71 18.77
N LEU B 168 8.75 -11.43 18.76
CA LEU B 168 9.84 -11.10 17.85
C LEU B 168 9.59 -11.70 16.47
N VAL B 169 9.92 -10.94 15.43
CA VAL B 169 9.68 -11.39 14.07
C VAL B 169 10.65 -12.49 13.72
N ASN B 170 10.16 -13.50 13.01
CA ASN B 170 10.97 -14.59 12.49
C ASN B 170 11.55 -14.23 11.12
N ALA B 171 12.67 -14.85 10.78
CA ALA B 171 13.19 -14.73 9.43
C ALA B 171 12.14 -15.20 8.42
N ASN B 172 12.01 -14.45 7.33
CA ASN B 172 11.09 -14.79 6.23
C ASN B 172 9.63 -14.77 6.67
N GLN B 173 9.29 -13.94 7.65
CA GLN B 173 7.91 -13.78 8.06
C GLN B 173 7.63 -12.31 8.34
N TYR B 174 6.35 -11.98 8.32
CA TYR B 174 5.90 -10.67 8.78
C TYR B 174 5.64 -10.72 10.28
N SER B 175 5.78 -9.58 10.93
CA SER B 175 5.34 -9.48 12.32
C SER B 175 3.89 -9.93 12.47
N PRO B 176 3.52 -10.59 13.56
CA PRO B 176 2.09 -10.82 13.83
C PRO B 176 1.30 -9.54 13.89
N CYS B 177 1.94 -8.42 14.20
CA CYS B 177 1.23 -7.15 14.34
C CYS B 177 0.96 -6.45 13.01
N VAL B 178 1.39 -6.98 11.86
CA VAL B 178 1.12 -6.24 10.63
C VAL B 178 -0.37 -6.16 10.38
N SER B 179 -1.18 -7.03 11.00
CA SER B 179 -2.63 -6.94 10.81
C SER B 179 -3.22 -5.71 11.50
N ILE B 180 -2.61 -5.23 12.60
CA ILE B 180 -3.19 -4.13 13.35
C ILE B 180 -2.46 -2.80 13.17
N VAL B 181 -1.28 -2.81 12.56
CA VAL B 181 -0.54 -1.57 12.29
C VAL B 181 -0.91 -1.09 10.90
N PRO B 182 -1.28 0.18 10.72
CA PRO B 182 -1.65 0.68 9.40
C PRO B 182 -0.44 0.66 8.46
N SER B 183 -0.72 0.64 7.16
CA SER B 183 0.41 0.66 6.21
C SER B 183 1.23 1.94 6.33
N THR B 184 0.62 3.04 6.78
CA THR B 184 1.34 4.26 7.16
C THR B 184 0.85 4.69 8.53
N VAL B 185 1.76 4.80 9.50
CA VAL B 185 1.40 5.24 10.86
C VAL B 185 0.98 6.71 10.83
N TRP B 186 -0.12 7.03 11.52
CA TRP B 186 -0.61 8.40 11.50
C TRP B 186 0.22 9.34 12.36
N GLU B 187 0.41 8.99 13.63
CA GLU B 187 1.16 9.83 14.56
C GLU B 187 2.19 8.97 15.26
N ASP B 188 3.40 9.51 15.37
CA ASP B 188 4.48 8.83 16.08
C ASP B 188 4.01 8.46 17.48
N GLY B 189 4.15 7.18 17.83
CA GLY B 189 3.74 6.69 19.13
C GLY B 189 2.33 6.16 19.24
N ASP B 190 1.56 6.09 18.13
CA ASP B 190 0.22 5.53 18.17
C ASP B 190 0.25 4.09 18.63
N TYR B 191 -0.84 3.68 19.30
CA TYR B 191 -1.01 2.33 19.83
C TYR B 191 -2.09 1.59 19.05
N TYR B 192 -1.96 0.26 18.97
CA TYR B 192 -2.89 -0.59 18.23
C TYR B 192 -3.18 -1.84 19.04
N ARG B 193 -4.33 -2.46 18.77
CA ARG B 193 -4.65 -3.70 19.49
C ARG B 193 -5.58 -4.59 18.66
N LYS B 194 -5.51 -5.88 18.92
CA LYS B 194 -6.58 -6.80 18.57
C LYS B 194 -6.67 -7.86 19.65
N GLN B 195 -7.86 -8.43 19.82
CA GLN B 195 -8.02 -9.55 20.72
C GLN B 195 -7.69 -10.84 19.96
N LEU B 196 -6.84 -11.68 20.54
CA LEU B 196 -6.42 -12.89 19.85
C LEU B 196 -7.48 -13.97 20.00
N SER B 197 -7.55 -14.87 19.01
CA SER B 197 -8.56 -15.93 19.06
C SER B 197 -8.19 -16.98 20.08
N PRO B 198 -9.17 -17.77 20.55
CA PRO B 198 -8.84 -18.92 21.41
C PRO B 198 -7.82 -19.86 20.79
N LEU B 199 -7.82 -20.02 19.47
CA LEU B 199 -6.83 -20.86 18.83
C LEU B 199 -5.43 -20.32 19.00
N GLU B 200 -5.28 -19.03 19.30
CA GLU B 200 -4.00 -18.37 19.50
C GLU B 200 -3.65 -18.14 20.96
N GLY B 201 -4.44 -18.64 21.89
CA GLY B 201 -4.20 -18.43 23.31
C GLY B 201 -4.97 -17.29 23.95
N GLY B 202 -5.73 -16.52 23.17
CA GLY B 202 -6.51 -15.42 23.73
C GLY B 202 -5.65 -14.25 24.20
N GLY B 203 -6.31 -13.33 24.91
CA GLY B 203 -5.68 -12.12 25.41
C GLY B 203 -5.50 -11.12 24.28
N TRP B 204 -4.66 -10.12 24.52
CA TRP B 204 -4.49 -9.02 23.57
C TRP B 204 -3.17 -9.17 22.80
N LEU B 205 -3.19 -8.77 21.53
CA LEU B 205 -2.00 -8.43 20.77
C LEU B 205 -1.97 -6.92 20.67
N VAL B 206 -0.86 -6.30 21.05
CA VAL B 206 -0.76 -4.85 21.02
C VAL B 206 0.47 -4.43 20.26
N ALA B 207 0.44 -3.22 19.71
CA ALA B 207 1.58 -2.70 18.99
C ALA B 207 1.63 -1.18 19.12
N SER B 208 2.79 -0.61 18.79
CA SER B 208 2.93 0.83 18.69
C SER B 208 3.77 1.16 17.46
N GLY B 209 3.45 2.28 16.82
CA GLY B 209 4.17 2.68 15.62
C GLY B 209 4.97 3.96 15.77
N SER B 210 5.98 4.14 14.92
CA SER B 210 6.85 5.31 14.92
C SER B 210 6.92 5.87 13.50
N THR B 211 7.22 7.18 13.38
CA THR B 211 7.33 7.81 12.07
C THR B 211 8.65 8.55 11.91
N VAL B 212 9.10 8.65 10.67
CA VAL B 212 10.24 9.45 10.25
C VAL B 212 9.81 10.25 9.03
N ALA B 213 10.16 11.53 9.00
CA ALA B 213 9.71 12.40 7.91
C ALA B 213 10.26 11.92 6.57
N MET B 214 9.43 12.07 5.53
CA MET B 214 9.86 11.75 4.18
C MET B 214 11.01 12.66 3.74
N THR B 215 11.90 12.10 2.91
CA THR B 215 13.08 12.78 2.40
C THR B 215 12.78 13.35 1.00
N GLU B 216 13.70 14.21 0.50
CA GLU B 216 13.44 14.86 -0.78
C GLU B 216 13.32 13.83 -1.90
N GLN B 217 14.20 12.84 -1.91
CA GLN B 217 14.04 11.66 -2.76
C GLN B 217 13.75 10.44 -1.88
N LEU B 218 12.94 9.53 -2.41
CA LEU B 218 12.62 8.32 -1.66
C LEU B 218 13.89 7.50 -1.43
N GLN B 219 14.03 6.99 -0.21
CA GLN B 219 15.11 6.08 0.14
C GLN B 219 14.52 4.70 0.39
N MET B 220 15.26 3.65 0.00
CA MET B 220 14.72 2.30 -0.02
C MET B 220 15.73 1.34 0.58
N GLY B 221 15.22 0.22 1.07
CA GLY B 221 16.04 -0.92 1.45
C GLY B 221 15.71 -2.10 0.55
N PHE B 222 16.75 -2.83 0.15
CA PHE B 222 16.65 -4.07 -0.59
C PHE B 222 17.35 -5.14 0.21
N GLY B 223 16.65 -6.24 0.52
CA GLY B 223 17.25 -7.36 1.21
C GLY B 223 17.38 -8.52 0.22
N ILE B 224 18.58 -9.06 0.13
CA ILE B 224 18.84 -10.21 -0.73
C ILE B 224 19.19 -11.41 0.14
N THR B 225 18.55 -12.55 -0.12
CA THR B 225 18.87 -13.82 0.51
C THR B 225 19.05 -14.83 -0.61
N VAL B 226 20.12 -15.62 -0.55
CA VAL B 226 20.34 -16.65 -1.56
C VAL B 226 20.36 -18.01 -0.87
N GLN B 227 19.93 -19.04 -1.61
CA GLN B 227 19.87 -20.41 -1.15
C GLN B 227 20.62 -21.31 -2.13
N TYR B 228 21.33 -22.30 -1.59
CA TYR B 228 21.92 -23.39 -2.36
C TYR B 228 21.18 -24.71 -2.13
N GLY B 229 21.07 -25.51 -3.20
CA GLY B 229 20.46 -26.83 -3.13
C GLY B 229 19.04 -26.98 -2.62
N THR B 230 18.32 -25.87 -2.44
CA THR B 230 16.88 -25.92 -2.24
C THR B 230 16.12 -26.39 -3.48
N ASP B 231 16.78 -26.46 -4.61
CA ASP B 231 16.24 -26.85 -5.91
C ASP B 231 17.44 -26.94 -6.85
N THR B 232 17.19 -27.02 -8.15
CA THR B 232 18.27 -26.89 -9.12
C THR B 232 18.95 -25.55 -8.90
N ASN B 233 20.28 -25.54 -8.82
CA ASN B 233 21.00 -24.27 -8.67
C ASN B 233 21.06 -23.56 -10.03
N SER B 234 19.88 -23.11 -10.48
CA SER B 234 19.70 -22.58 -11.82
C SER B 234 19.47 -21.07 -11.87
N VAL B 235 19.68 -20.37 -10.77
CA VAL B 235 19.61 -18.91 -10.75
C VAL B 235 21.06 -18.45 -10.89
N CYS B 236 21.45 -18.11 -12.11
CA CYS B 236 22.85 -17.94 -12.47
C CYS B 236 23.12 -16.56 -13.02
N PRO B 237 24.35 -16.07 -12.92
CA PRO B 237 24.67 -14.79 -13.52
C PRO B 237 24.53 -14.87 -15.03
N LYS B 238 23.97 -13.82 -15.61
CA LYS B 238 23.89 -13.71 -17.06
C LYS B 238 25.31 -13.62 -17.60
N LEU B 239 25.62 -14.39 -18.63
CA LEU B 239 27.00 -14.46 -19.10
C LEU B 239 27.32 -13.28 -20.00
N GLY B 240 28.40 -12.58 -19.65
CA GLY B 240 28.88 -11.51 -20.51
C GLY B 240 29.34 -12.04 -21.84
N SER B 241 29.28 -11.16 -22.83
CA SER B 241 29.68 -11.52 -24.18
C SER B 241 30.49 -10.37 -24.76
N LEU B 242 31.16 -10.64 -25.88
CA LEU B 242 31.64 -9.54 -26.69
C LEU B 242 30.43 -8.80 -27.26
N VAL B 243 30.64 -7.53 -27.62
CA VAL B 243 29.55 -6.72 -28.13
C VAL B 243 29.91 -6.11 -29.48
N GLY C 1 -4.74 14.51 24.28
CA GLY C 1 -4.34 14.73 22.91
C GLY C 1 -3.24 13.79 22.46
N SER C 2 -2.52 13.21 23.43
CA SER C 2 -1.41 12.34 23.10
C SER C 2 -1.90 11.03 22.50
N PRO C 3 -1.03 10.31 21.78
CA PRO C 3 -1.43 8.98 21.26
C PRO C 3 -1.97 8.04 22.33
N VAL C 4 -1.30 7.95 23.50
CA VAL C 4 -1.77 7.01 24.51
C VAL C 4 -3.12 7.45 25.08
N LYS C 5 -3.31 8.77 25.29
CA LYS C 5 -4.59 9.21 25.84
C LYS C 5 -5.73 8.95 24.87
N ARG C 6 -5.50 9.17 23.56
CA ARG C 6 -6.53 8.87 22.57
C ARG C 6 -6.84 7.37 22.52
N PHE C 7 -5.80 6.54 22.59
CA PHE C 7 -6.02 5.09 22.60
C PHE C 7 -6.81 4.68 23.83
N VAL C 8 -6.36 5.09 25.01
CA VAL C 8 -7.00 4.66 26.25
C VAL C 8 -8.45 5.14 26.30
N ARG C 9 -8.70 6.38 25.88
CA ARG C 9 -10.07 6.87 25.97
C ARG C 9 -11.00 6.08 25.05
N GLU C 10 -10.50 5.70 23.87
CA GLU C 10 -11.28 4.81 23.00
C GLU C 10 -11.50 3.45 23.66
N VAL C 11 -10.48 2.93 24.33
CA VAL C 11 -10.65 1.65 25.03
C VAL C 11 -11.64 1.78 26.17
N LEU C 12 -11.55 2.87 26.95
CA LEU C 12 -12.48 3.02 28.07
C LEU C 12 -13.91 3.22 27.60
N GLU C 13 -14.12 3.90 26.46
CA GLU C 13 -15.47 4.01 25.91
C GLU C 13 -16.02 2.63 25.56
N GLU C 14 -15.18 1.77 25.00
CA GLU C 14 -15.60 0.39 24.72
C GLU C 14 -15.81 -0.40 26.01
N ALA C 15 -15.03 -0.11 27.06
CA ALA C 15 -15.24 -0.80 28.33
C ALA C 15 -16.58 -0.42 28.95
N GLU C 16 -16.98 0.85 28.84
CA GLU C 16 -18.27 1.26 29.37
C GLU C 16 -19.42 0.54 28.65
N GLU C 17 -19.33 0.41 27.32
CA GLU C 17 -20.33 -0.35 26.58
C GLU C 17 -20.40 -1.79 27.05
N ALA C 18 -19.24 -2.43 27.27
CA ALA C 18 -19.24 -3.82 27.72
C ALA C 18 -19.89 -3.97 29.09
N TYR C 19 -19.62 -3.04 30.00
CA TYR C 19 -20.16 -3.12 31.36
C TYR C 19 -21.68 -2.94 31.37
N GLU C 20 -22.20 -2.09 30.47
CA GLU C 20 -23.64 -1.88 30.41
C GLU C 20 -24.36 -3.06 29.76
N LYS C 21 -23.70 -3.77 28.84
CA LYS C 21 -24.30 -4.96 28.24
C LYS C 21 -24.14 -6.20 29.10
N GLY C 22 -23.55 -6.08 30.29
CA GLY C 22 -23.38 -7.20 31.19
C GLY C 22 -22.22 -8.12 30.89
N ASP C 23 -21.31 -7.75 29.98
CA ASP C 23 -20.14 -8.56 29.65
C ASP C 23 -19.02 -8.13 30.58
N ARG C 24 -19.04 -8.68 31.80
CA ARG C 24 -18.07 -8.27 32.80
C ARG C 24 -16.67 -8.77 32.45
N ARG C 25 -16.57 -9.93 31.79
CA ARG C 25 -15.26 -10.43 31.40
C ARG C 25 -14.59 -9.46 30.43
N GLN C 26 -15.32 -9.05 29.40
CA GLN C 26 -14.74 -8.13 28.41
C GLN C 26 -14.42 -6.77 29.04
N PHE C 27 -15.25 -6.33 29.99
CA PHE C 27 -14.96 -5.10 30.71
C PHE C 27 -13.61 -5.16 31.40
N GLU C 28 -13.33 -6.26 32.09
CA GLU C 28 -12.04 -6.40 32.75
C GLU C 28 -10.91 -6.50 31.71
N GLU C 29 -11.13 -7.22 30.61
CA GLU C 29 -10.10 -7.29 29.57
C GLU C 29 -9.75 -5.90 29.03
N LEU C 30 -10.78 -5.07 28.81
CA LEU C 30 -10.53 -3.74 28.26
C LEU C 30 -9.88 -2.84 29.29
N LEU C 31 -10.30 -2.94 30.55
CA LEU C 31 -9.68 -2.15 31.61
C LEU C 31 -8.20 -2.47 31.73
N TRP C 32 -7.85 -3.75 31.65
CA TRP C 32 -6.46 -4.19 31.70
C TRP C 32 -5.67 -3.62 30.51
N LEU C 33 -6.26 -3.70 29.31
CA LEU C 33 -5.60 -3.12 28.14
C LEU C 33 -5.29 -1.64 28.36
N ALA C 34 -6.28 -0.88 28.86
CA ALA C 34 -6.07 0.54 29.12
C ALA C 34 -4.97 0.76 30.15
N GLU C 35 -5.02 0.01 31.26
CA GLU C 35 -3.99 0.16 32.29
C GLU C 35 -2.61 -0.19 31.75
N TRP C 36 -2.52 -1.23 30.92
CA TRP C 36 -1.23 -1.58 30.33
C TRP C 36 -0.69 -0.40 29.52
N ALA C 37 -1.54 0.23 28.73
CA ALA C 37 -1.08 1.28 27.82
C ALA C 37 -0.63 2.53 28.58
N ALA C 38 -1.39 2.94 29.59
CA ALA C 38 -1.00 4.12 30.38
C ALA C 38 0.35 3.90 31.07
N ARG C 39 0.57 2.71 31.62
CA ARG C 39 1.86 2.44 32.27
C ARG C 39 2.98 2.33 31.24
N ASP C 40 2.68 1.79 30.06
CA ASP C 40 3.70 1.68 29.02
C ASP C 40 4.22 3.06 28.61
N ALA C 41 3.35 4.06 28.59
CA ALA C 41 3.73 5.41 28.23
C ALA C 41 4.16 6.23 29.44
N ASN C 42 4.22 5.60 30.62
N ASN C 42 4.20 5.61 30.64
CA ASN C 42 4.56 6.27 31.88
CA ASN C 42 4.60 6.29 31.88
C ASN C 42 3.73 7.54 32.06
C ASN C 42 3.73 7.52 32.15
N ASP C 43 2.43 7.41 31.85
CA ASP C 43 1.50 8.52 31.95
C ASP C 43 0.69 8.37 33.23
N GLU C 44 1.23 8.90 34.34
CA GLU C 44 0.56 8.72 35.62
C GLU C 44 -0.74 9.51 35.69
N GLU C 45 -0.80 10.63 34.98
CA GLU C 45 -2.06 11.38 34.88
C GLU C 45 -3.16 10.50 34.31
N LEU C 46 -2.83 9.72 33.27
CA LEU C 46 -3.82 8.85 32.63
C LEU C 46 -4.18 7.65 33.50
N GLU C 47 -3.21 7.11 34.26
CA GLU C 47 -3.54 6.04 35.21
C GLU C 47 -4.59 6.50 36.23
N GLU C 48 -4.47 7.74 36.70
CA GLU C 48 -5.46 8.28 37.62
C GLU C 48 -6.81 8.44 36.93
N GLU C 49 -6.81 8.83 35.65
CA GLU C 49 -8.06 8.93 34.91
C GLU C 49 -8.75 7.57 34.81
N ILE C 50 -7.96 6.49 34.63
CA ILE C 50 -8.56 5.16 34.51
C ILE C 50 -9.18 4.73 35.84
N ARG C 51 -8.51 5.02 36.96
CA ARG C 51 -9.09 4.73 38.26
C ARG C 51 -10.42 5.44 38.44
N GLU C 52 -10.45 6.75 38.20
CA GLU C 52 -11.70 7.50 38.33
C GLU C 52 -12.79 6.92 37.43
N PHE C 53 -12.42 6.51 36.21
CA PHE C 53 -13.39 5.89 35.33
C PHE C 53 -13.98 4.63 35.96
N GLU C 54 -13.11 3.77 36.50
CA GLU C 54 -13.59 2.50 37.06
C GLU C 54 -14.55 2.75 38.22
N LYS C 55 -14.21 3.72 39.07
CA LYS C 55 -15.08 4.05 40.21
C LYS C 55 -16.46 4.49 39.73
N GLU C 56 -16.52 5.35 38.71
CA GLU C 56 -17.79 5.92 38.27
C GLU C 56 -18.65 4.96 37.46
N VAL C 57 -18.08 3.89 36.92
CA VAL C 57 -18.87 2.95 36.12
C VAL C 57 -19.38 1.80 36.98
N LYS C 58 -18.58 1.34 37.92
CA LYS C 58 -18.95 0.22 38.78
C LYS C 58 -19.31 0.72 40.18
N GLY D 1 3.89 27.00 -4.86
CA GLY D 1 2.72 27.71 -4.43
C GLY D 1 1.41 26.97 -4.65
N SER D 2 1.43 26.02 -5.58
CA SER D 2 0.25 25.23 -5.93
C SER D 2 0.74 23.96 -6.61
N PRO D 3 -0.08 22.90 -6.65
CA PRO D 3 0.36 21.67 -7.32
C PRO D 3 0.86 21.87 -8.76
N VAL D 4 0.15 22.63 -9.59
CA VAL D 4 0.61 22.77 -10.98
C VAL D 4 1.89 23.61 -11.05
N LYS D 5 2.00 24.65 -10.22
CA LYS D 5 3.22 25.46 -10.25
C LYS D 5 4.42 24.64 -9.84
N ARG D 6 4.27 23.81 -8.80
CA ARG D 6 5.38 22.95 -8.38
C ARG D 6 5.74 21.96 -9.49
N PHE D 7 4.73 21.37 -10.13
CA PHE D 7 4.97 20.40 -11.21
C PHE D 7 5.71 21.07 -12.38
N VAL D 8 5.19 22.21 -12.85
CA VAL D 8 5.79 22.89 -13.99
C VAL D 8 7.22 23.31 -13.67
N ARG D 9 7.45 23.85 -12.47
CA ARG D 9 8.78 24.32 -12.12
C ARG D 9 9.78 23.18 -12.05
N GLU D 10 9.35 22.00 -11.59
CA GLU D 10 10.22 20.83 -11.66
C GLU D 10 10.52 20.45 -13.11
N VAL D 11 9.51 20.51 -13.98
CA VAL D 11 9.70 20.20 -15.39
C VAL D 11 10.64 21.20 -16.05
N LEU D 12 10.49 22.49 -15.74
CA LEU D 12 11.35 23.50 -16.34
C LEU D 12 12.79 23.36 -15.87
N GLU D 13 13.00 22.91 -14.63
CA GLU D 13 14.36 22.67 -14.16
C GLU D 13 15.01 21.56 -14.98
N GLU D 14 14.27 20.51 -15.30
CA GLU D 14 14.81 19.46 -16.16
C GLU D 14 15.05 19.96 -17.57
N ALA D 15 14.21 20.88 -18.06
CA ALA D 15 14.39 21.42 -19.40
C ALA D 15 15.67 22.22 -19.51
N GLU D 16 15.98 23.01 -18.48
CA GLU D 16 17.22 23.78 -18.47
C GLU D 16 18.43 22.85 -18.53
N GLU D 17 18.40 21.75 -17.77
CA GLU D 17 19.48 20.76 -17.85
C GLU D 17 19.59 20.20 -19.25
N ALA D 18 18.45 19.87 -19.88
CA ALA D 18 18.51 19.32 -21.22
C ALA D 18 19.09 20.32 -22.21
N TYR D 19 18.69 21.58 -22.10
CA TYR D 19 19.18 22.60 -23.03
C TYR D 19 20.66 22.89 -22.81
N GLU D 20 21.12 22.86 -21.55
CA GLU D 20 22.53 23.13 -21.28
C GLU D 20 23.40 21.97 -21.74
N LYS D 21 22.88 20.75 -21.71
CA LYS D 21 23.60 19.60 -22.23
C LYS D 21 23.44 19.44 -23.74
N GLY D 22 22.75 20.36 -24.41
CA GLY D 22 22.59 20.28 -25.85
C GLY D 22 21.53 19.32 -26.35
N ASP D 23 20.67 18.81 -25.46
CA ASP D 23 19.59 17.90 -25.84
C ASP D 23 18.36 18.74 -26.17
N ARG D 24 18.34 19.29 -27.40
CA ARG D 24 17.26 20.19 -27.76
C ARG D 24 15.94 19.45 -27.89
N ARG D 25 15.97 18.20 -28.35
CA ARG D 25 14.74 17.43 -28.44
C ARG D 25 14.10 17.29 -27.06
N GLN D 26 14.90 16.90 -26.06
CA GLN D 26 14.36 16.74 -24.71
C GLN D 26 13.89 18.07 -24.16
N PHE D 27 14.59 19.15 -24.46
CA PHE D 27 14.16 20.48 -24.03
C PHE D 27 12.75 20.79 -24.54
N GLU D 28 12.51 20.52 -25.82
CA GLU D 28 11.20 20.79 -26.41
C GLU D 28 10.13 19.87 -25.82
N GLU D 29 10.46 18.58 -25.62
CA GLU D 29 9.49 17.66 -25.02
C GLU D 29 9.03 18.14 -23.65
N LEU D 30 9.97 18.66 -22.85
CA LEU D 30 9.64 19.12 -21.49
C LEU D 30 8.87 20.43 -21.52
N LEU D 31 9.24 21.36 -22.40
CA LEU D 31 8.50 22.61 -22.54
C LEU D 31 7.05 22.37 -22.91
N TRP D 32 6.80 21.42 -23.81
CA TRP D 32 5.44 21.06 -24.19
C TRP D 32 4.67 20.48 -23.01
N LEU D 33 5.30 19.59 -22.24
CA LEU D 33 4.66 19.09 -21.03
C LEU D 33 4.29 20.23 -20.10
N ALA D 34 5.23 21.14 -19.84
CA ALA D 34 4.97 22.25 -18.95
C ALA D 34 3.85 23.13 -19.49
N GLU D 35 3.88 23.45 -20.78
CA GLU D 35 2.82 24.27 -21.36
C GLU D 35 1.47 23.56 -21.26
N TRP D 36 1.45 22.24 -21.53
CA TRP D 36 0.18 21.52 -21.42
C TRP D 36 -0.39 21.61 -20.01
N ALA D 37 0.46 21.45 -18.99
CA ALA D 37 -0.04 21.42 -17.62
C ALA D 37 -0.54 22.78 -17.17
N ALA D 38 0.19 23.84 -17.50
CA ALA D 38 -0.26 25.18 -17.14
C ALA D 38 -1.61 25.49 -17.77
N ARG D 39 -1.80 25.11 -19.03
CA ARG D 39 -3.08 25.33 -19.69
C ARG D 39 -4.15 24.42 -19.12
N ASP D 40 -3.79 23.18 -18.76
CA ASP D 40 -4.77 22.28 -18.16
C ASP D 40 -5.32 22.84 -16.85
N ALA D 41 -4.48 23.53 -16.09
CA ALA D 41 -4.90 24.13 -14.82
C ALA D 41 -5.43 25.56 -14.95
N ASN D 42 -5.54 26.08 -16.18
CA ASN D 42 -6.02 27.44 -16.41
C ASN D 42 -5.19 28.47 -15.63
N ASP D 43 -3.89 28.24 -15.54
CA ASP D 43 -2.98 29.11 -14.78
C ASP D 43 -2.27 30.03 -15.77
N GLU D 44 -2.90 31.18 -16.06
CA GLU D 44 -2.34 32.10 -17.05
C GLU D 44 -1.06 32.75 -16.56
N GLU D 45 -0.94 33.00 -15.25
CA GLU D 45 0.31 33.51 -14.69
C GLU D 45 1.45 32.53 -14.93
N LEU D 46 1.17 31.22 -14.78
CA LEU D 46 2.20 30.21 -14.99
C LEU D 46 2.57 30.08 -16.46
N GLU D 47 1.61 30.28 -17.36
CA GLU D 47 1.94 30.30 -18.79
C GLU D 47 2.93 31.40 -19.10
N GLU D 48 2.76 32.57 -18.49
CA GLU D 48 3.71 33.66 -18.70
C GLU D 48 5.07 33.32 -18.11
N GLU D 49 5.10 32.63 -16.97
CA GLU D 49 6.37 32.22 -16.40
C GLU D 49 7.14 31.28 -17.33
N ILE D 50 6.42 30.41 -18.03
CA ILE D 50 7.08 29.49 -18.97
C ILE D 50 7.64 30.26 -20.16
N ARG D 51 6.89 31.26 -20.64
CA ARG D 51 7.38 32.10 -21.72
C ARG D 51 8.66 32.81 -21.32
N GLU D 52 8.65 33.49 -20.16
CA GLU D 52 9.85 34.16 -19.69
C GLU D 52 11.01 33.18 -19.56
N PHE D 53 10.71 31.96 -19.12
CA PHE D 53 11.73 30.92 -19.05
C PHE D 53 12.31 30.64 -20.44
N GLU D 54 11.44 30.45 -21.43
CA GLU D 54 11.91 30.13 -22.78
C GLU D 54 12.76 31.25 -23.35
N LYS D 55 12.32 32.50 -23.14
CA LYS D 55 13.11 33.65 -23.58
C LYS D 55 14.46 33.69 -22.89
N GLU D 56 14.48 33.48 -21.57
CA GLU D 56 15.70 33.60 -20.78
C GLU D 56 16.66 32.44 -20.96
N VAL D 57 16.19 31.31 -21.49
CA VAL D 57 17.05 30.16 -21.69
C VAL D 57 17.63 30.16 -23.11
C1 NAG E . -18.75 -4.51 17.07
C2 NAG E . -19.37 -3.21 16.56
C3 NAG E . -20.80 -3.45 16.07
C4 NAG E . -20.84 -4.63 15.10
C5 NAG E . -20.13 -5.84 15.73
C6 NAG E . -20.15 -7.08 14.86
C7 NAG E . -18.47 -1.20 17.71
C8 NAG E . -18.56 -0.38 18.97
N2 NAG E . -19.30 -2.26 17.65
O3 NAG E . -21.24 -2.25 15.49
O4 NAG E . -22.18 -4.93 14.79
O5 NAG E . -18.80 -5.50 16.07
O6 NAG E . -19.54 -8.16 15.53
O7 NAG E . -17.70 -0.89 16.82
C1 NAG E . -22.54 -4.57 13.43
C2 NAG E . -23.79 -5.35 13.02
C3 NAG E . -24.28 -4.86 11.66
C4 NAG E . -24.62 -3.38 11.79
C5 NAG E . -23.33 -2.65 12.17
C6 NAG E . -23.54 -1.17 12.44
C7 NAG E . -24.28 -7.65 13.79
C8 NAG E . -23.92 -9.10 13.60
N2 NAG E . -23.61 -6.78 13.00
O3 NAG E . -25.38 -5.64 11.26
O4 NAG E . -25.19 -2.92 10.58
O5 NAG E . -22.76 -3.18 13.35
O6 NAG E . -24.15 -0.97 13.69
O7 NAG E . -25.12 -7.31 14.61
C1 NAG F . 24.17 -6.10 -17.07
C2 NAG F . 24.98 -6.30 -18.35
C3 NAG F . 26.09 -5.26 -18.41
C4 NAG F . 25.49 -3.86 -18.28
C5 NAG F . 24.66 -3.76 -17.00
C6 NAG F . 23.95 -2.44 -16.86
C7 NAG F . 25.11 -8.56 -19.26
C8 NAG F . 25.80 -9.89 -19.19
N2 NAG F . 25.54 -7.63 -18.40
O3 NAG F . 26.81 -5.39 -19.63
O4 NAG F . 26.53 -2.89 -18.19
O5 NAG F . 23.66 -4.79 -16.98
O6 NAG F . 23.04 -2.25 -17.95
O7 NAG F . 24.21 -8.34 -20.07
C1 NAG F . 26.74 -2.04 -19.26
C2 NAG F . 27.60 -0.90 -18.75
C3 NAG F . 27.93 0.05 -19.90
C4 NAG F . 28.59 -0.73 -21.03
C5 NAG F . 27.69 -1.88 -21.46
C6 NAG F . 28.32 -2.77 -22.49
C7 NAG F . 27.32 -0.32 -16.40
C8 NAG F . 26.44 0.35 -15.38
N2 NAG F . 26.93 -0.21 -17.67
O3 NAG F . 28.78 1.08 -19.41
O4 NAG F . 28.79 0.12 -22.16
O5 NAG F . 27.38 -2.72 -20.33
O6 NAG F . 29.54 -3.33 -21.99
O7 NAG F . 28.33 -0.94 -16.08
C1 BMA F . 30.06 0.64 -22.39
C2 BMA F . 30.06 1.31 -23.74
C3 BMA F . 31.40 1.93 -24.03
C4 BMA F . 31.78 2.88 -22.92
C5 BMA F . 31.73 2.17 -21.57
C6 BMA F . 31.97 3.10 -20.41
O2 BMA F . 29.01 2.27 -23.80
O3 BMA F . 31.36 2.61 -25.28
O4 BMA F . 33.08 3.39 -23.13
O5 BMA F . 30.44 1.57 -21.37
O6 BMA F . 31.91 2.41 -19.17
C1 NAG G . -23.83 -17.38 7.79
C2 NAG G . -24.29 -18.58 8.64
C3 NAG G . -25.22 -18.17 9.78
C4 NAG G . -24.61 -17.02 10.58
C5 NAG G . -24.30 -15.88 9.59
C6 NAG G . -23.75 -14.63 10.24
C7 NAG G . -24.45 -20.80 7.58
C8 NAG G . -23.13 -21.12 8.24
N2 NAG G . -24.93 -19.57 7.81
O3 NAG G . -25.42 -19.30 10.57
O4 NAG G . -25.52 -16.66 11.59
O5 NAG G . -23.36 -16.35 8.64
O6 NAG G . -22.65 -14.96 11.05
O7 NAG G . -25.01 -21.61 6.86
C1 NAG H . 18.29 9.75 -14.22
C2 NAG H . 19.26 9.77 -15.41
C3 NAG H . 20.65 9.29 -15.01
C4 NAG H . 21.14 9.92 -13.71
C5 NAG H . 20.08 9.77 -12.63
C6 NAG H . 20.47 10.45 -11.33
C7 NAG H . 17.96 9.29 -17.48
C8 NAG H . 17.61 8.18 -18.44
N2 NAG H . 18.77 8.91 -16.46
O3 NAG H . 21.53 9.56 -16.08
O4 NAG H . 22.34 9.26 -13.34
O5 NAG H . 18.89 10.37 -13.10
O6 NAG H . 20.85 11.78 -11.59
O7 NAG H . 17.53 10.43 -17.62
#